data_7EHU
#
_entry.id   7EHU
#
_cell.length_a   50.241
_cell.length_b   69.616
_cell.length_c   56.195
_cell.angle_alpha   90.000
_cell.angle_beta   108.370
_cell.angle_gamma   90.000
#
_symmetry.space_group_name_H-M   'P 1 21 1'
#
loop_
_entity.id
_entity.type
_entity.pdbx_description
1 polymer 'Chitin oligosaccharide binding protein NagB2'
2 branched 2-acetamido-2-deoxy-beta-D-glucopyranose-(1-4)-2-acetamido-2-deoxy-beta-D-glucopyranose-(1-4)-2-acetamido-2-deoxy-beta-D-glucopyranose
3 non-polymer DI(HYDROXYETHYL)ETHER
4 water water
#
_entity_poly.entity_id   1
_entity_poly.type   'polypeptide(L)'
_entity_poly.pdbx_seq_one_letter_code
;MGCGGTADKNPAGNNGDSAKPAETKSGDSVSLTLRHINVRDTAKNTLALLEKVVKKTEAEVPGATFKLDGVEDTVNRDVK
LKAEMAAGKPPQIFNLFGGADTQNYAKAGHLLPLNDILKELGLEDKFFELREFTVDGKIYGLPEAGFVEGFYYNTKLFAD
AGITSAPKTWDEFTKALEALKAKNITPIALGGGSGDGWAINMLANSLFVATAGPEAQEGFAKGTTKWTDPAVLDGFKRLK
DLKDKGYIDPNVLGLKYSEGQAKFYTGQAAMLFDGSWATSAILDKDKSTVKDNVGYFRFPNIGGKGDNLINGGWSNGYGF
SSHLNDAEKKAVKAFIKNFYTLEIQGEALGRDNRVPSMKGVPTPAEAAPLTKAIGEAQASAKAAFPAFDALVQPKVKVTL
EQSVQELLGGQLTPEKLVEKMQKVQDEANAGKLEHHHHHH
;
_entity_poly.pdbx_strand_id   A
#
# COMPACT_ATOMS: atom_id res chain seq x y z
N GLY A 27 22.47 7.63 -29.74
CA GLY A 27 21.62 8.73 -30.20
C GLY A 27 20.31 8.26 -30.78
N ASP A 28 19.29 9.12 -30.83
CA ASP A 28 19.38 10.54 -30.49
C ASP A 28 19.59 10.73 -28.98
N SER A 29 20.25 11.82 -28.61
CA SER A 29 20.36 12.17 -27.20
C SER A 29 18.96 12.40 -26.64
N VAL A 30 18.64 11.74 -25.53
CA VAL A 30 17.34 11.90 -24.89
C VAL A 30 17.51 11.80 -23.38
N SER A 31 16.84 12.68 -22.65
CA SER A 31 16.86 12.67 -21.20
C SER A 31 15.47 12.34 -20.68
N LEU A 32 15.38 11.37 -19.78
CA LEU A 32 14.11 10.95 -19.20
C LEU A 32 14.21 11.08 -17.69
N THR A 33 13.19 11.65 -17.08
CA THR A 33 13.08 11.66 -15.62
C THR A 33 12.31 10.42 -15.18
N LEU A 34 12.86 9.75 -14.19
CA LEU A 34 12.27 8.54 -13.61
C LEU A 34 11.96 8.88 -12.16
N ARG A 35 10.68 9.13 -11.89
CA ARG A 35 10.17 9.44 -10.56
C ARG A 35 9.93 8.17 -9.79
N HIS A 36 10.57 8.02 -8.63
CA HIS A 36 10.41 6.84 -7.81
C HIS A 36 10.26 7.30 -6.36
N ILE A 37 9.84 6.37 -5.50
CA ILE A 37 9.55 6.66 -4.10
C ILE A 37 10.54 5.98 -3.15
N ASN A 38 11.65 5.45 -3.67
CA ASN A 38 12.57 4.64 -2.87
C ASN A 38 13.66 5.49 -2.20
N VAL A 39 13.21 6.37 -1.31
CA VAL A 39 14.07 7.39 -0.70
C VAL A 39 14.55 7.02 0.71
N ARG A 40 13.81 6.20 1.45
CA ARG A 40 14.17 5.91 2.83
C ARG A 40 15.30 4.89 2.89
N ASP A 41 16.03 4.90 4.02
CA ASP A 41 17.13 3.95 4.19
C ASP A 41 16.65 2.50 4.01
N THR A 42 15.44 2.20 4.48
CA THR A 42 14.93 0.85 4.39
C THR A 42 14.61 0.43 2.96
N ALA A 43 14.59 1.38 2.02
CA ALA A 43 14.32 1.10 0.62
C ALA A 43 15.57 1.08 -0.24
N LYS A 44 16.75 1.08 0.39
CA LYS A 44 17.98 1.20 -0.39
CA LYS A 44 18.00 1.18 -0.35
C LYS A 44 18.19 0.02 -1.32
N ASN A 45 17.76 -1.19 -0.95
CA ASN A 45 17.93 -2.31 -1.87
C ASN A 45 17.02 -2.16 -3.08
N THR A 46 15.81 -1.64 -2.86
CA THR A 46 14.88 -1.39 -3.97
C THR A 46 15.46 -0.36 -4.91
N LEU A 47 16.04 0.71 -4.36
CA LEU A 47 16.69 1.72 -5.18
C LEU A 47 17.87 1.14 -5.96
N ALA A 48 18.69 0.32 -5.31
CA ALA A 48 19.85 -0.23 -6.00
C ALA A 48 19.42 -1.12 -7.16
N LEU A 49 18.33 -1.87 -6.98
CA LEU A 49 17.84 -2.71 -8.08
C LEU A 49 17.34 -1.85 -9.24
N LEU A 50 16.63 -0.77 -8.92
CA LEU A 50 16.19 0.16 -9.95
C LEU A 50 17.38 0.75 -10.70
N GLU A 51 18.40 1.17 -9.97
CA GLU A 51 19.61 1.74 -10.58
C GLU A 51 20.29 0.72 -11.48
N LYS A 52 20.33 -0.55 -11.05
CA LYS A 52 20.92 -1.59 -11.89
C LYS A 52 20.16 -1.72 -13.21
N VAL A 53 18.83 -1.70 -13.15
CA VAL A 53 18.02 -1.80 -14.37
C VAL A 53 18.25 -0.58 -15.26
N VAL A 54 18.32 0.60 -14.65
CA VAL A 54 18.55 1.84 -15.41
C VAL A 54 19.90 1.80 -16.11
N LYS A 55 20.96 1.37 -15.40
CA LYS A 55 22.29 1.28 -16.00
C LYS A 55 22.27 0.31 -17.18
N LYS A 56 21.58 -0.83 -17.04
CA LYS A 56 21.48 -1.77 -18.16
C LYS A 56 20.75 -1.15 -19.34
N THR A 57 19.67 -0.41 -19.07
CA THR A 57 18.91 0.23 -20.13
C THR A 57 19.73 1.29 -20.84
N GLU A 58 20.48 2.09 -20.10
CA GLU A 58 21.36 3.09 -20.71
C GLU A 58 22.41 2.45 -21.61
N ALA A 59 22.92 1.28 -21.24
CA ALA A 59 23.90 0.60 -22.08
C ALA A 59 23.24 0.10 -23.37
N GLU A 60 21.97 -0.27 -23.30
CA GLU A 60 21.25 -0.83 -24.43
C GLU A 60 20.76 0.25 -25.39
N VAL A 61 20.50 1.45 -24.89
CA VAL A 61 19.95 2.54 -25.69
C VAL A 61 20.95 3.70 -25.66
N PRO A 62 21.99 3.65 -26.48
CA PRO A 62 22.93 4.77 -26.53
C PRO A 62 22.17 6.06 -26.79
N GLY A 63 22.59 7.11 -26.11
CA GLY A 63 21.95 8.39 -26.19
C GLY A 63 20.97 8.67 -25.08
N ALA A 64 20.48 7.64 -24.39
CA ALA A 64 19.44 7.81 -23.38
C ALA A 64 20.06 7.92 -21.99
N THR A 65 19.67 8.98 -21.26
CA THR A 65 20.09 9.20 -19.88
C THR A 65 18.84 9.32 -19.04
N PHE A 66 18.80 8.56 -17.93
CA PHE A 66 17.68 8.63 -17.00
C PHE A 66 18.10 9.49 -15.81
N LYS A 67 17.26 10.45 -15.45
CA LYS A 67 17.50 11.29 -14.30
C LYS A 67 16.51 10.80 -13.19
N LEU A 68 17.05 10.09 -12.19
CA LEU A 68 16.21 9.56 -11.11
C LEU A 68 15.81 10.69 -10.18
N ASP A 69 14.52 10.77 -9.87
CA ASP A 69 13.99 11.80 -8.98
C ASP A 69 13.25 11.06 -7.87
N GLY A 70 13.93 10.86 -6.73
CA GLY A 70 13.33 10.16 -5.61
C GLY A 70 12.56 11.12 -4.74
N VAL A 71 11.30 10.80 -4.49
CA VAL A 71 10.40 11.65 -3.72
C VAL A 71 9.66 10.76 -2.72
N GLU A 72 9.48 11.27 -1.49
CA GLU A 72 8.73 10.54 -0.48
C GLU A 72 7.34 10.15 -0.98
N ASP A 73 6.89 8.98 -0.56
CA ASP A 73 5.61 8.41 -1.00
C ASP A 73 4.46 9.42 -0.98
N THR A 74 4.17 10.02 0.17
CA THR A 74 2.99 10.89 0.25
C THR A 74 3.18 12.13 -0.61
N VAL A 75 4.39 12.69 -0.61
CA VAL A 75 4.66 13.90 -1.38
C VAL A 75 4.49 13.62 -2.86
N ASN A 76 4.99 12.48 -3.35
CA ASN A 76 4.86 12.20 -4.78
C ASN A 76 3.39 12.05 -5.16
N ARG A 77 2.68 11.15 -4.46
CA ARG A 77 1.34 10.81 -4.89
C ARG A 77 0.38 11.97 -4.75
N ASP A 78 0.47 12.68 -3.65
CA ASP A 78 -0.57 13.63 -3.26
C ASP A 78 -0.23 15.06 -3.59
N VAL A 79 1.02 15.36 -3.89
CA VAL A 79 1.42 16.74 -4.17
C VAL A 79 2.13 16.85 -5.52
N LYS A 80 3.29 16.22 -5.66
CA LYS A 80 4.18 16.49 -6.79
C LYS A 80 3.62 15.92 -8.10
N LEU A 81 3.38 14.61 -8.17
CA LEU A 81 2.86 14.06 -9.41
C LEU A 81 1.48 14.64 -9.71
N LYS A 82 0.68 14.86 -8.66
CA LYS A 82 -0.65 15.46 -8.85
C LYS A 82 -0.53 16.80 -9.56
N ALA A 83 0.41 17.64 -9.11
CA ALA A 83 0.57 18.97 -9.70
C ALA A 83 1.11 18.89 -11.10
N GLU A 84 2.06 17.98 -11.35
CA GLU A 84 2.60 17.80 -12.68
C GLU A 84 1.54 17.32 -13.66
N MET A 85 0.68 16.42 -13.22
CA MET A 85 -0.43 15.95 -14.05
C MET A 85 -1.41 17.08 -14.33
N ALA A 86 -1.72 17.90 -13.33
CA ALA A 86 -2.62 19.02 -13.53
C ALA A 86 -2.10 19.93 -14.63
N ALA A 87 -0.79 20.08 -14.71
CA ALA A 87 -0.11 20.91 -15.70
C ALA A 87 0.12 20.20 -17.01
N GLY A 88 -0.26 18.92 -17.11
CA GLY A 88 -0.01 18.17 -18.33
C GLY A 88 1.45 17.88 -18.59
N LYS A 89 2.28 17.85 -17.55
CA LYS A 89 3.73 17.70 -17.66
C LYS A 89 4.24 16.67 -16.66
N PRO A 90 3.73 15.44 -16.67
CA PRO A 90 4.31 14.44 -15.76
C PRO A 90 5.73 14.10 -16.18
N PRO A 91 6.50 13.48 -15.29
CA PRO A 91 7.76 12.85 -15.71
C PRO A 91 7.49 11.79 -16.77
N GLN A 92 8.55 11.36 -17.45
CA GLN A 92 8.40 10.33 -18.46
C GLN A 92 8.01 8.98 -17.85
N ILE A 93 8.55 8.66 -16.67
CA ILE A 93 8.32 7.42 -15.94
C ILE A 93 8.06 7.81 -14.49
N PHE A 94 7.04 7.21 -13.87
CA PHE A 94 6.70 7.63 -12.51
C PHE A 94 5.98 6.53 -11.74
N ASN A 95 6.26 6.46 -10.45
CA ASN A 95 5.48 5.61 -9.56
C ASN A 95 4.03 6.10 -9.56
N LEU A 96 3.10 5.17 -9.78
CA LEU A 96 1.70 5.43 -10.03
C LEU A 96 0.85 4.42 -9.29
N PHE A 97 -0.31 4.86 -8.79
CA PHE A 97 -1.29 3.96 -8.19
C PHE A 97 -2.42 3.66 -9.16
N GLY A 98 -2.89 2.42 -9.13
CA GLY A 98 -4.06 2.00 -9.87
C GLY A 98 -5.31 2.60 -9.28
N GLY A 99 -6.43 2.32 -9.95
CA GLY A 99 -7.70 2.82 -9.50
C GLY A 99 -7.87 4.29 -9.80
N ALA A 100 -8.39 5.03 -8.82
CA ALA A 100 -8.75 6.43 -9.01
C ALA A 100 -7.65 7.25 -9.67
N ASP A 101 -6.41 7.16 -9.16
CA ASP A 101 -5.34 8.00 -9.72
C ASP A 101 -5.15 7.72 -11.20
N THR A 102 -5.01 6.43 -11.56
CA THR A 102 -4.83 6.04 -12.96
C THR A 102 -6.03 6.47 -13.80
N GLN A 103 -7.24 6.27 -13.29
CA GLN A 103 -8.42 6.68 -14.03
C GLN A 103 -8.39 8.17 -14.31
N ASN A 104 -8.02 8.97 -13.31
CA ASN A 104 -7.98 10.42 -13.50
C ASN A 104 -6.95 10.79 -14.56
N TYR A 105 -5.74 10.26 -14.47
CA TYR A 105 -4.68 10.67 -15.37
C TYR A 105 -4.91 10.12 -16.77
N ALA A 106 -5.47 8.92 -16.88
CA ALA A 106 -5.78 8.36 -18.18
C ALA A 106 -6.89 9.16 -18.87
N LYS A 107 -7.94 9.51 -18.13
CA LYS A 107 -9.00 10.35 -18.68
C LYS A 107 -8.47 11.66 -19.21
N ALA A 108 -7.53 12.25 -18.49
CA ALA A 108 -6.94 13.52 -18.86
C ALA A 108 -5.98 13.38 -20.02
N GLY A 109 -5.71 12.15 -20.46
CA GLY A 109 -4.86 11.93 -21.60
C GLY A 109 -3.37 11.93 -21.32
N HIS A 110 -2.94 11.74 -20.07
CA HIS A 110 -1.54 11.90 -19.71
C HIS A 110 -0.78 10.60 -19.56
N LEU A 111 -1.45 9.45 -19.70
CA LEU A 111 -0.82 8.14 -19.52
C LEU A 111 -0.70 7.40 -20.85
N LEU A 112 0.48 6.85 -21.10
CA LEU A 112 0.73 6.07 -22.31
C LEU A 112 -0.04 4.76 -22.26
N PRO A 113 -0.88 4.45 -23.24
CA PRO A 113 -1.48 3.10 -23.27
C PRO A 113 -0.41 2.08 -23.65
N LEU A 114 -0.43 0.93 -22.97
CA LEU A 114 0.67 -0.02 -23.03
C LEU A 114 0.35 -1.32 -23.76
N ASN A 115 -0.87 -1.51 -24.25
CA ASN A 115 -1.26 -2.82 -24.79
C ASN A 115 -0.31 -3.28 -25.90
N ASP A 116 -0.04 -2.41 -26.88
CA ASP A 116 0.84 -2.80 -27.98
C ASP A 116 2.26 -3.04 -27.50
N ILE A 117 2.73 -2.20 -26.57
CA ILE A 117 4.07 -2.41 -26.03
C ILE A 117 4.15 -3.76 -25.34
N LEU A 118 3.12 -4.13 -24.58
CA LEU A 118 3.17 -5.41 -23.90
C LEU A 118 3.20 -6.56 -24.89
N LYS A 119 2.43 -6.48 -25.98
CA LYS A 119 2.52 -7.48 -27.04
C LYS A 119 3.94 -7.54 -27.61
N GLU A 120 4.51 -6.38 -27.90
CA GLU A 120 5.87 -6.33 -28.46
C GLU A 120 6.88 -7.02 -27.54
N LEU A 121 6.75 -6.82 -26.23
CA LEU A 121 7.72 -7.29 -25.25
C LEU A 121 7.39 -8.68 -24.70
N GLY A 122 6.32 -9.32 -25.16
CA GLY A 122 5.93 -10.62 -24.63
C GLY A 122 5.35 -10.62 -23.23
N LEU A 123 4.82 -9.48 -22.77
CA LEU A 123 4.42 -9.28 -21.38
C LEU A 123 2.90 -9.29 -21.19
N GLU A 124 2.11 -9.50 -22.25
CA GLU A 124 0.67 -9.25 -22.13
C GLU A 124 0.02 -10.02 -20.98
N ASP A 125 0.39 -11.29 -20.84
CA ASP A 125 -0.25 -12.22 -19.92
C ASP A 125 0.57 -12.50 -18.66
N LYS A 126 1.61 -11.73 -18.41
CA LYS A 126 2.60 -12.08 -17.40
C LYS A 126 2.27 -11.60 -16.00
N PHE A 127 1.31 -10.70 -15.85
CA PHE A 127 0.98 -10.12 -14.56
C PHE A 127 -0.19 -10.85 -13.92
N PHE A 128 -0.14 -11.02 -12.60
CA PHE A 128 -1.29 -11.62 -11.93
C PHE A 128 -2.57 -10.83 -12.23
N GLU A 129 -2.53 -9.51 -12.09
CA GLU A 129 -3.74 -8.70 -12.26
C GLU A 129 -3.36 -7.29 -12.69
N LEU A 130 -3.85 -6.88 -13.86
CA LEU A 130 -3.68 -5.51 -14.32
C LEU A 130 -4.96 -4.68 -14.16
N ARG A 131 -6.00 -5.23 -13.53
CA ARG A 131 -7.29 -4.57 -13.52
C ARG A 131 -7.19 -3.12 -12.99
N GLU A 132 -6.42 -2.87 -11.91
CA GLU A 132 -6.42 -1.52 -11.34
C GLU A 132 -5.85 -0.50 -12.31
N PHE A 133 -5.00 -0.94 -13.23
CA PHE A 133 -4.35 -0.06 -14.18
C PHE A 133 -5.05 -0.02 -15.53
N THR A 134 -6.21 -0.67 -15.64
CA THR A 134 -6.92 -0.79 -16.91
C THR A 134 -8.12 0.13 -16.92
N VAL A 135 -8.27 0.91 -17.99
CA VAL A 135 -9.38 1.84 -18.16
C VAL A 135 -9.89 1.64 -19.58
N ASP A 136 -11.15 1.21 -19.70
CA ASP A 136 -11.76 0.94 -21.01
C ASP A 136 -10.88 0.03 -21.87
N GLY A 137 -10.34 -1.01 -21.24
CA GLY A 137 -9.57 -2.02 -21.92
C GLY A 137 -8.10 -1.71 -22.18
N LYS A 138 -7.63 -0.50 -21.91
CA LYS A 138 -6.26 -0.15 -22.31
C LYS A 138 -5.53 -0.11 -20.95
N ILE A 139 -4.29 -0.54 -20.98
CA ILE A 139 -3.47 -0.68 -19.78
C ILE A 139 -2.60 0.55 -19.67
N TYR A 140 -2.60 1.19 -18.50
CA TYR A 140 -1.93 2.47 -18.32
C TYR A 140 -0.85 2.45 -17.24
N GLY A 141 -0.49 1.28 -16.72
CA GLY A 141 0.61 1.17 -15.79
C GLY A 141 0.83 -0.30 -15.49
N LEU A 142 1.95 -0.58 -14.82
CA LEU A 142 2.37 -1.96 -14.59
C LEU A 142 2.76 -2.12 -13.13
N PRO A 143 2.05 -2.93 -12.37
CA PRO A 143 2.36 -3.05 -10.95
C PRO A 143 3.76 -3.65 -10.78
N GLU A 144 4.50 -3.14 -9.80
CA GLU A 144 5.85 -3.61 -9.48
C GLU A 144 5.82 -4.80 -8.54
N ALA A 145 4.81 -4.86 -7.67
CA ALA A 145 4.69 -5.88 -6.65
C ALA A 145 3.21 -6.03 -6.37
N GLY A 146 2.87 -7.12 -5.67
CA GLY A 146 1.58 -7.26 -5.03
C GLY A 146 1.66 -6.83 -3.56
N PHE A 147 0.50 -6.72 -2.91
CA PHE A 147 0.48 -6.45 -1.49
C PHE A 147 -0.73 -7.13 -0.85
N VAL A 148 -0.57 -7.42 0.44
CA VAL A 148 -1.70 -7.57 1.36
C VAL A 148 -1.39 -6.69 2.57
N GLU A 149 -2.44 -6.36 3.34
CA GLU A 149 -2.31 -5.70 4.64
C GLU A 149 -2.85 -6.62 5.71
N GLY A 150 -2.19 -6.59 6.87
CA GLY A 150 -2.56 -7.44 7.98
C GLY A 150 -1.69 -7.11 9.17
N PHE A 151 -1.81 -7.92 10.22
CA PHE A 151 -1.08 -7.71 11.47
C PHE A 151 0.21 -8.52 11.50
N TYR A 152 1.34 -7.84 11.44
CA TYR A 152 2.58 -8.43 11.93
C TYR A 152 2.51 -8.42 13.46
N TYR A 153 3.02 -9.48 14.10
CA TYR A 153 2.95 -9.51 15.56
C TYR A 153 4.18 -10.18 16.14
N ASN A 154 4.48 -9.79 17.38
CA ASN A 154 5.62 -10.28 18.13
C ASN A 154 5.19 -11.49 18.94
N THR A 155 5.69 -12.66 18.56
CA THR A 155 5.27 -13.89 19.20
C THR A 155 5.81 -13.98 20.62
N LYS A 156 6.94 -13.32 20.89
CA LYS A 156 7.50 -13.28 22.25
C LYS A 156 6.65 -12.41 23.17
N LEU A 157 6.31 -11.20 22.72
CA LEU A 157 5.48 -10.34 23.56
C LEU A 157 4.11 -10.93 23.77
N PHE A 158 3.53 -11.56 22.73
CA PHE A 158 2.26 -12.24 22.93
C PHE A 158 2.38 -13.30 24.02
N ALA A 159 3.42 -14.15 23.93
CA ALA A 159 3.64 -15.16 24.97
C ALA A 159 3.85 -14.54 26.35
N ASP A 160 4.56 -13.40 26.41
CA ASP A 160 4.72 -12.72 27.69
C ASP A 160 3.37 -12.40 28.33
N ALA A 161 2.37 -12.09 27.51
CA ALA A 161 1.04 -11.73 27.98
C ALA A 161 0.09 -12.92 28.05
N GLY A 162 0.60 -14.13 27.85
CA GLY A 162 -0.21 -15.31 27.96
C GLY A 162 -1.01 -15.68 26.74
N ILE A 163 -0.74 -15.06 25.60
CA ILE A 163 -1.49 -15.27 24.37
C ILE A 163 -0.68 -16.27 23.56
N THR A 164 -1.25 -17.43 23.28
CA THR A 164 -0.50 -18.56 22.73
C THR A 164 -0.84 -18.87 21.28
N SER A 165 -1.77 -18.13 20.67
CA SER A 165 -2.17 -18.30 19.28
C SER A 165 -2.58 -16.95 18.71
N ALA A 166 -2.52 -16.82 17.40
CA ALA A 166 -2.93 -15.58 16.75
C ALA A 166 -4.46 -15.48 16.76
N PRO A 167 -5.03 -14.31 17.07
CA PRO A 167 -6.49 -14.22 17.18
C PRO A 167 -7.16 -14.38 15.82
N LYS A 168 -8.21 -15.20 15.77
CA LYS A 168 -8.96 -15.40 14.53
C LYS A 168 -10.26 -14.58 14.51
N THR A 169 -10.79 -14.23 15.67
CA THR A 169 -12.04 -13.51 15.78
C THR A 169 -11.82 -12.21 16.55
N TRP A 170 -12.77 -11.28 16.41
CA TRP A 170 -12.67 -10.00 17.08
C TRP A 170 -12.60 -10.19 18.59
N ASP A 171 -13.37 -11.14 19.13
CA ASP A 171 -13.36 -11.36 20.57
C ASP A 171 -12.00 -11.88 21.04
N GLU A 172 -11.37 -12.76 20.26
CA GLU A 172 -10.02 -13.20 20.63
C GLU A 172 -9.03 -12.05 20.51
N PHE A 173 -9.23 -11.18 19.52
CA PHE A 173 -8.35 -10.03 19.32
C PHE A 173 -8.45 -9.06 20.50
N THR A 174 -9.68 -8.73 20.93
CA THR A 174 -9.82 -7.84 22.07
C THR A 174 -9.26 -8.50 23.33
N LYS A 175 -9.40 -9.82 23.46
CA LYS A 175 -8.82 -10.47 24.63
C LYS A 175 -7.29 -10.32 24.62
N ALA A 176 -6.68 -10.44 23.45
CA ALA A 176 -5.24 -10.27 23.36
C ALA A 176 -4.82 -8.84 23.68
N LEU A 177 -5.56 -7.85 23.17
CA LEU A 177 -5.25 -6.46 23.48
C LEU A 177 -5.33 -6.21 24.99
N GLU A 178 -6.39 -6.74 25.62
CA GLU A 178 -6.56 -6.60 27.07
C GLU A 178 -5.35 -7.15 27.81
N ALA A 179 -4.89 -8.34 27.42
CA ALA A 179 -3.79 -9.00 28.12
C ALA A 179 -2.47 -8.26 27.91
N LEU A 180 -2.24 -7.74 26.70
CA LEU A 180 -1.03 -6.98 26.45
C LEU A 180 -1.04 -5.69 27.26
N LYS A 181 -2.17 -4.98 27.25
CA LYS A 181 -2.30 -3.74 28.03
C LYS A 181 -2.06 -4.00 29.51
N ALA A 182 -2.56 -5.13 30.02
CA ALA A 182 -2.41 -5.44 31.45
C ALA A 182 -0.96 -5.67 31.83
N LYS A 183 -0.13 -6.10 30.88
CA LYS A 183 1.30 -6.24 31.09
C LYS A 183 2.08 -4.98 30.75
N ASN A 184 1.40 -3.86 30.48
CA ASN A 184 2.06 -2.62 30.09
C ASN A 184 2.93 -2.81 28.85
N ILE A 185 2.46 -3.65 27.92
CA ILE A 185 3.03 -3.77 26.58
C ILE A 185 2.16 -2.93 25.66
N THR A 186 2.74 -1.95 24.98
CA THR A 186 2.00 -1.17 23.99
C THR A 186 1.43 -2.12 22.95
N PRO A 187 0.11 -2.24 22.81
CA PRO A 187 -0.40 -3.33 21.95
C PRO A 187 -0.15 -3.13 20.47
N ILE A 188 -0.46 -1.96 19.91
CA ILE A 188 -0.45 -1.72 18.47
C ILE A 188 0.43 -0.51 18.16
N ALA A 189 1.51 -0.75 17.43
CA ALA A 189 2.33 0.34 16.89
C ALA A 189 1.62 0.98 15.72
N LEU A 190 1.76 2.30 15.60
CA LEU A 190 1.20 3.01 14.45
C LEU A 190 1.84 4.40 14.45
N GLY A 191 2.41 4.81 13.33
CA GLY A 191 2.88 6.17 13.13
C GLY A 191 1.97 6.88 12.15
N GLY A 192 1.13 7.77 12.65
CA GLY A 192 0.12 8.40 11.81
C GLY A 192 0.07 9.91 11.90
N GLY A 193 1.17 10.54 12.32
CA GLY A 193 1.24 11.97 12.46
C GLY A 193 1.61 12.66 11.16
N SER A 194 1.81 13.98 11.26
CA SER A 194 2.32 14.80 10.15
C SER A 194 1.46 14.50 8.92
N GLY A 195 2.06 14.17 7.78
CA GLY A 195 1.29 13.85 6.59
C GLY A 195 1.08 12.38 6.36
N ASP A 196 1.15 11.58 7.43
CA ASP A 196 1.09 10.13 7.35
C ASP A 196 -0.24 9.54 7.82
N GLY A 197 -1.33 10.29 7.67
CA GLY A 197 -2.65 9.76 8.02
C GLY A 197 -3.03 8.49 7.29
N TRP A 198 -2.45 8.26 6.10
CA TRP A 198 -2.75 7.05 5.35
C TRP A 198 -2.40 5.80 6.16
N ALA A 199 -1.43 5.90 7.06
CA ALA A 199 -1.07 4.73 7.87
C ALA A 199 -2.18 4.36 8.83
N ILE A 200 -2.87 5.36 9.40
CA ILE A 200 -4.06 5.10 10.18
C ILE A 200 -5.13 4.48 9.29
N ASN A 201 -5.26 4.99 8.07
CA ASN A 201 -6.28 4.49 7.17
C ASN A 201 -6.08 3.03 6.77
N MET A 202 -4.88 2.49 6.87
CA MET A 202 -4.74 1.05 6.63
C MET A 202 -5.61 0.28 7.60
N LEU A 203 -5.49 0.63 8.88
CA LEU A 203 -6.27 -0.03 9.91
C LEU A 203 -7.75 0.33 9.80
N ALA A 204 -8.04 1.60 9.56
CA ALA A 204 -9.43 2.02 9.42
C ALA A 204 -10.11 1.29 8.28
N ASN A 205 -9.42 1.12 7.15
CA ASN A 205 -10.02 0.48 5.98
C ASN A 205 -10.35 -0.97 6.26
N SER A 206 -9.45 -1.71 6.90
CA SER A 206 -9.80 -3.09 7.25
C SER A 206 -10.90 -3.15 8.29
N LEU A 207 -10.97 -2.17 9.21
CA LEU A 207 -12.06 -2.12 10.17
C LEU A 207 -13.41 -1.93 9.49
N PHE A 208 -13.54 -0.93 8.60
CA PHE A 208 -14.85 -0.67 8.04
C PHE A 208 -15.26 -1.69 6.99
N VAL A 209 -14.31 -2.36 6.35
CA VAL A 209 -14.69 -3.50 5.51
C VAL A 209 -15.11 -4.67 6.39
N ALA A 210 -14.44 -4.86 7.53
CA ALA A 210 -14.85 -5.92 8.44
C ALA A 210 -16.24 -5.69 9.00
N THR A 211 -16.61 -4.43 9.23
CA THR A 211 -17.93 -4.14 9.81
C THR A 211 -19.02 -4.02 8.77
N ALA A 212 -18.73 -3.47 7.58
CA ALA A 212 -19.75 -3.16 6.60
C ALA A 212 -19.71 -4.07 5.38
N GLY A 213 -18.62 -4.78 5.15
CA GLY A 213 -18.45 -5.57 3.95
C GLY A 213 -17.77 -4.79 2.85
N PRO A 214 -17.22 -5.50 1.86
CA PRO A 214 -16.47 -4.83 0.79
C PRO A 214 -17.32 -3.99 -0.14
N GLU A 215 -18.61 -4.28 -0.25
CA GLU A 215 -19.49 -3.52 -1.13
CA GLU A 215 -19.42 -3.49 -1.18
C GLU A 215 -19.64 -2.07 -0.67
N ALA A 216 -19.47 -1.81 0.63
CA ALA A 216 -19.64 -0.45 1.12
C ALA A 216 -18.63 0.50 0.50
N GLN A 217 -17.35 0.11 0.46
CA GLN A 217 -16.36 1.02 -0.12
C GLN A 217 -16.49 1.09 -1.64
N GLU A 218 -17.01 0.03 -2.28
CA GLU A 218 -17.25 0.09 -3.71
C GLU A 218 -18.35 1.10 -4.03
N GLY A 219 -19.30 1.28 -3.12
CA GLY A 219 -20.45 2.11 -3.38
C GLY A 219 -20.29 3.59 -3.11
N PHE A 220 -19.26 4.00 -2.33
CA PHE A 220 -19.16 5.40 -1.95
C PHE A 220 -19.14 6.32 -3.17
N ALA A 221 -18.28 6.02 -4.14
CA ALA A 221 -18.15 6.87 -5.33
C ALA A 221 -19.29 6.67 -6.33
N LYS A 222 -20.08 5.61 -6.18
CA LYS A 222 -21.20 5.34 -7.07
C LYS A 222 -22.51 5.82 -6.46
N GLY A 223 -22.47 6.34 -5.24
CA GLY A 223 -23.65 6.85 -4.57
C GLY A 223 -24.60 5.80 -4.06
N THR A 224 -24.20 4.53 -4.10
CA THR A 224 -25.08 3.45 -3.68
C THR A 224 -24.93 3.10 -2.20
N THR A 225 -23.85 3.52 -1.57
CA THR A 225 -23.61 3.39 -0.14
C THR A 225 -23.09 4.74 0.35
N LYS A 226 -23.07 4.92 1.66
CA LYS A 226 -22.63 6.19 2.24
C LYS A 226 -21.69 5.92 3.42
N TRP A 227 -20.79 6.87 3.64
CA TRP A 227 -19.91 6.80 4.80
C TRP A 227 -20.73 6.81 6.08
N THR A 228 -21.92 7.41 6.05
CA THR A 228 -22.79 7.50 7.21
C THR A 228 -23.59 6.23 7.47
N ASP A 229 -23.50 5.22 6.61
CA ASP A 229 -24.19 3.96 6.86
C ASP A 229 -23.77 3.42 8.22
N PRO A 230 -24.72 2.93 9.03
CA PRO A 230 -24.36 2.51 10.39
C PRO A 230 -23.21 1.53 10.48
N ALA A 231 -23.13 0.58 9.53
CA ALA A 231 -22.07 -0.42 9.59
C ALA A 231 -20.71 0.20 9.29
N VAL A 232 -20.66 1.27 8.47
CA VAL A 232 -19.40 1.97 8.25
C VAL A 232 -19.02 2.75 9.51
N LEU A 233 -19.98 3.49 10.07
CA LEU A 233 -19.76 4.20 11.32
C LEU A 233 -19.24 3.26 12.40
N ASP A 234 -19.76 2.02 12.44
CA ASP A 234 -19.32 1.05 13.44
C ASP A 234 -17.79 0.85 13.36
N GLY A 235 -17.25 0.78 12.14
CA GLY A 235 -15.81 0.63 12.00
C GLY A 235 -15.03 1.78 12.62
N PHE A 236 -15.52 3.00 12.44
CA PHE A 236 -14.83 4.16 13.01
C PHE A 236 -15.03 4.22 14.51
N LYS A 237 -16.19 3.78 15.00
CA LYS A 237 -16.36 3.63 16.44
C LYS A 237 -15.33 2.67 17.03
N ARG A 238 -15.09 1.54 16.38
CA ARG A 238 -14.10 0.61 16.88
C ARG A 238 -12.68 1.20 16.81
N LEU A 239 -12.35 1.90 15.72
CA LEU A 239 -11.04 2.54 15.63
C LEU A 239 -10.83 3.48 16.80
N LYS A 240 -11.83 4.33 17.06
CA LYS A 240 -11.74 5.24 18.20
C LYS A 240 -11.60 4.47 19.52
N ASP A 241 -12.33 3.37 19.67
CA ASP A 241 -12.24 2.61 20.92
C ASP A 241 -10.85 2.01 21.12
N LEU A 242 -10.17 1.61 20.04
CA LEU A 242 -8.82 1.10 20.17
C LEU A 242 -7.88 2.16 20.74
N LYS A 243 -8.06 3.42 20.32
CA LYS A 243 -7.26 4.51 20.87
C LYS A 243 -7.67 4.83 22.30
N ASP A 244 -8.99 4.90 22.57
CA ASP A 244 -9.48 5.22 23.91
C ASP A 244 -8.96 4.25 24.96
N LYS A 245 -8.84 2.98 24.59
CA LYS A 245 -8.39 1.93 25.50
C LYS A 245 -6.87 1.92 25.69
N GLY A 246 -6.13 2.72 24.93
CA GLY A 246 -4.68 2.63 24.97
C GLY A 246 -4.10 1.50 24.17
N TYR A 247 -4.88 0.91 23.27
CA TYR A 247 -4.37 -0.20 22.47
C TYR A 247 -3.52 0.31 21.31
N ILE A 248 -3.93 1.39 20.65
CA ILE A 248 -3.06 2.09 19.71
C ILE A 248 -2.09 2.95 20.50
N ASP A 249 -0.80 2.93 20.13
CA ASP A 249 0.26 3.72 20.76
C ASP A 249 -0.24 5.14 21.02
N PRO A 250 -0.22 5.61 22.27
CA PRO A 250 -0.71 6.98 22.55
C PRO A 250 0.05 8.04 21.79
N ASN A 251 1.25 7.78 21.29
CA ASN A 251 1.95 8.80 20.53
C ASN A 251 1.80 8.64 19.03
N VAL A 252 0.73 7.96 18.59
CA VAL A 252 0.47 7.76 17.17
C VAL A 252 0.57 9.08 16.38
N LEU A 253 0.02 10.16 16.92
CA LEU A 253 0.00 11.41 16.16
C LEU A 253 1.34 12.15 16.24
N GLY A 254 2.27 11.69 17.06
CA GLY A 254 3.58 12.28 17.16
C GLY A 254 4.66 11.53 16.41
N LEU A 255 4.29 10.48 15.66
CA LEU A 255 5.25 9.62 15.00
C LEU A 255 4.95 9.55 13.51
N LYS A 256 6.01 9.54 12.71
CA LYS A 256 5.92 9.26 11.28
C LYS A 256 5.67 7.77 11.05
N TYR A 257 5.18 7.45 9.85
CA TYR A 257 4.92 6.06 9.48
C TYR A 257 6.10 5.16 9.82
N SER A 258 7.29 5.55 9.39
CA SER A 258 8.47 4.69 9.59
CA SER A 258 8.47 4.70 9.60
C SER A 258 8.85 4.58 11.06
N GLU A 259 8.49 5.59 11.87
CA GLU A 259 8.75 5.51 13.30
C GLU A 259 7.79 4.55 13.98
N GLY A 260 6.55 4.46 13.50
CA GLY A 260 5.66 3.40 13.96
C GLY A 260 6.19 2.02 13.62
N GLN A 261 6.73 1.86 12.41
CA GLN A 261 7.31 0.58 12.03
C GLN A 261 8.47 0.22 12.97
N ALA A 262 9.32 1.21 13.30
CA ALA A 262 10.44 0.95 14.19
C ALA A 262 9.97 0.61 15.59
N LYS A 263 8.89 1.25 16.06
CA LYS A 263 8.33 0.86 17.36
C LYS A 263 8.08 -0.64 17.40
N PHE A 264 7.55 -1.19 16.30
CA PHE A 264 7.33 -2.61 16.23
C PHE A 264 8.66 -3.40 16.08
N TYR A 265 9.61 -3.00 15.22
CA TYR A 265 10.41 -4.05 14.78
C TYR A 265 11.62 -3.97 15.82
N THR A 266 11.63 -2.94 16.75
CA THR A 266 12.53 -2.87 17.92
C THR A 266 11.87 -3.41 19.20
N GLY A 267 10.71 -4.06 19.09
CA GLY A 267 10.13 -4.75 20.21
C GLY A 267 9.41 -3.89 21.22
N GLN A 268 9.00 -2.67 20.84
CA GLN A 268 8.36 -1.73 21.74
C GLN A 268 6.85 -1.73 21.65
N ALA A 269 6.27 -2.54 20.76
CA ALA A 269 4.82 -2.72 20.68
C ALA A 269 4.57 -4.11 20.13
N ALA A 270 3.41 -4.68 20.46
CA ALA A 270 3.18 -6.11 20.19
C ALA A 270 2.76 -6.44 18.76
N MET A 271 2.19 -5.49 18.01
CA MET A 271 1.76 -5.77 16.66
C MET A 271 1.76 -4.48 15.84
N LEU A 272 1.62 -4.66 14.53
CA LEU A 272 1.70 -3.55 13.57
C LEU A 272 0.82 -3.91 12.39
N PHE A 273 -0.15 -3.07 12.07
CA PHE A 273 -0.98 -3.29 10.89
C PHE A 273 -0.30 -2.59 9.71
N ASP A 274 0.13 -3.35 8.72
CA ASP A 274 0.93 -2.76 7.65
C ASP A 274 0.83 -3.63 6.42
N GLY A 275 1.33 -3.06 5.31
CA GLY A 275 1.42 -3.79 4.08
C GLY A 275 2.62 -4.69 4.00
N SER A 276 2.55 -5.65 3.08
CA SER A 276 3.58 -6.68 2.99
C SER A 276 4.89 -6.13 2.49
N TRP A 277 4.90 -4.91 1.97
CA TRP A 277 6.13 -4.21 1.58
C TRP A 277 6.97 -3.80 2.80
N ALA A 278 6.45 -4.00 4.01
CA ALA A 278 7.19 -3.70 5.24
C ALA A 278 8.07 -4.86 5.68
N THR A 279 7.92 -6.05 5.08
CA THR A 279 8.59 -7.24 5.60
C THR A 279 10.10 -7.05 5.75
N SER A 280 10.74 -6.44 4.74
CA SER A 280 12.19 -6.34 4.79
C SER A 280 12.64 -5.57 6.03
N ALA A 281 11.90 -4.52 6.43
CA ALA A 281 12.30 -3.76 7.61
C ALA A 281 12.15 -4.61 8.87
N ILE A 282 11.14 -5.47 8.90
CA ILE A 282 10.85 -6.33 10.04
C ILE A 282 11.83 -7.49 10.15
N LEU A 283 12.48 -7.85 9.04
CA LEU A 283 13.47 -8.93 9.05
C LEU A 283 14.90 -8.43 9.07
N ASP A 284 15.11 -7.12 9.02
CA ASP A 284 16.44 -6.56 8.87
C ASP A 284 17.35 -6.99 10.01
N LYS A 285 18.45 -7.66 9.68
CA LYS A 285 19.31 -8.19 10.75
C LYS A 285 19.98 -7.10 11.56
N ASP A 286 20.25 -5.93 10.96
CA ASP A 286 20.93 -4.86 11.69
C ASP A 286 20.03 -4.15 12.67
N LYS A 287 18.72 -4.11 12.41
CA LYS A 287 17.84 -3.21 13.12
C LYS A 287 16.64 -3.86 13.80
N SER A 288 16.18 -5.01 13.31
CA SER A 288 14.98 -5.64 13.86
C SER A 288 15.33 -6.65 14.94
N THR A 289 14.95 -6.35 16.18
CA THR A 289 15.15 -7.30 17.26
C THR A 289 14.06 -8.37 17.28
N VAL A 290 13.03 -8.25 16.45
CA VAL A 290 11.93 -9.19 16.40
C VAL A 290 12.04 -10.18 15.26
N LYS A 291 13.14 -10.15 14.49
CA LYS A 291 13.23 -10.92 13.25
C LYS A 291 13.11 -12.43 13.47
N ASP A 292 13.41 -12.93 14.66
CA ASP A 292 13.27 -14.36 14.96
C ASP A 292 12.09 -14.65 15.88
N ASN A 293 11.22 -13.67 16.13
CA ASN A 293 10.07 -13.80 17.01
C ASN A 293 8.90 -13.02 16.45
N VAL A 294 8.56 -13.26 15.19
CA VAL A 294 7.53 -12.52 14.48
C VAL A 294 6.61 -13.48 13.73
N GLY A 295 5.31 -13.20 13.79
CA GLY A 295 4.28 -13.92 13.07
C GLY A 295 3.36 -12.95 12.37
N TYR A 296 2.24 -13.46 11.86
CA TYR A 296 1.34 -12.64 11.07
C TYR A 296 -0.07 -13.22 11.17
N PHE A 297 -1.06 -12.33 11.18
CA PHE A 297 -2.45 -12.77 11.03
C PHE A 297 -3.25 -11.72 10.27
N ARG A 298 -4.17 -12.21 9.45
CA ARG A 298 -5.06 -11.30 8.76
C ARG A 298 -6.06 -10.70 9.76
N PHE A 299 -6.65 -9.60 9.36
CA PHE A 299 -7.59 -8.89 10.21
C PHE A 299 -8.63 -9.89 10.74
N PRO A 300 -8.93 -9.88 12.03
CA PRO A 300 -9.83 -10.91 12.60
C PRO A 300 -11.30 -10.70 12.23
N ASN A 301 -12.07 -11.78 12.35
CA ASN A 301 -13.47 -11.77 11.94
C ASN A 301 -14.37 -11.10 12.99
N ILE A 302 -15.10 -10.08 12.55
CA ILE A 302 -16.09 -9.40 13.39
C ILE A 302 -17.46 -10.07 13.31
N GLY A 303 -17.75 -10.78 12.22
CA GLY A 303 -19.04 -11.41 11.99
C GLY A 303 -19.82 -10.63 10.95
N GLY A 304 -20.11 -11.24 9.81
CA GLY A 304 -20.81 -10.55 8.75
C GLY A 304 -20.14 -10.68 7.39
N LYS A 305 -20.52 -9.78 6.48
CA LYS A 305 -20.06 -9.84 5.09
C LYS A 305 -18.58 -9.52 4.92
N GLY A 306 -17.94 -8.94 5.93
CA GLY A 306 -16.51 -8.73 5.85
C GLY A 306 -15.65 -9.91 6.24
N ASP A 307 -16.23 -10.99 6.76
CA ASP A 307 -15.44 -12.08 7.31
C ASP A 307 -14.53 -12.74 6.29
N ASN A 308 -13.34 -13.14 6.75
CA ASN A 308 -12.37 -13.94 6.02
C ASN A 308 -11.84 -13.26 4.76
N LEU A 309 -11.94 -11.95 4.70
CA LEU A 309 -11.36 -11.19 3.61
C LEU A 309 -10.01 -10.62 4.00
N ILE A 310 -9.17 -10.35 3.01
CA ILE A 310 -7.88 -9.72 3.27
C ILE A 310 -7.71 -8.53 2.32
N ASN A 311 -7.26 -7.42 2.83
CA ASN A 311 -6.96 -6.28 1.97
C ASN A 311 -5.75 -6.62 1.12
N GLY A 312 -5.86 -6.51 -0.20
CA GLY A 312 -4.71 -6.78 -1.05
C GLY A 312 -5.04 -6.59 -2.50
N GLY A 313 -4.00 -6.69 -3.31
CA GLY A 313 -4.13 -6.50 -4.75
C GLY A 313 -2.78 -6.17 -5.36
N TRP A 314 -2.84 -5.64 -6.58
CA TRP A 314 -1.66 -5.19 -7.33
C TRP A 314 -1.95 -3.74 -7.72
N SER A 315 -1.46 -2.82 -6.92
CA SER A 315 -1.90 -1.44 -6.95
C SER A 315 -0.83 -0.43 -7.31
N ASN A 316 0.45 -0.75 -7.22
CA ASN A 316 1.50 0.27 -7.31
C ASN A 316 2.61 -0.20 -8.21
N GLY A 317 3.01 0.67 -9.11
CA GLY A 317 4.10 0.38 -10.02
C GLY A 317 4.42 1.58 -10.86
N TYR A 318 4.91 1.40 -12.09
CA TYR A 318 5.28 2.52 -12.95
C TYR A 318 4.21 2.74 -14.03
N GLY A 319 3.92 4.03 -14.24
CA GLY A 319 3.24 4.51 -15.40
C GLY A 319 4.15 5.42 -16.21
N PHE A 320 3.67 5.81 -17.39
CA PHE A 320 4.50 6.44 -18.40
C PHE A 320 3.74 7.59 -19.03
N SER A 321 4.44 8.69 -19.29
CA SER A 321 3.78 9.83 -19.92
C SER A 321 3.33 9.45 -21.33
N SER A 322 2.15 9.95 -21.72
CA SER A 322 1.72 9.81 -23.10
C SER A 322 2.47 10.75 -24.04
N HIS A 323 3.22 11.70 -23.50
CA HIS A 323 3.84 12.76 -24.27
C HIS A 323 5.32 12.47 -24.48
N LEU A 324 5.58 11.48 -25.31
CA LEU A 324 6.91 10.96 -25.58
C LEU A 324 7.18 11.04 -27.07
N ASN A 325 8.34 11.55 -27.44
CA ASN A 325 8.77 11.47 -28.83
C ASN A 325 9.30 10.06 -29.11
N ASP A 326 9.71 9.79 -30.35
CA ASP A 326 10.08 8.44 -30.72
C ASP A 326 11.30 7.96 -29.94
N ALA A 327 12.28 8.83 -29.73
CA ALA A 327 13.48 8.44 -29.00
C ALA A 327 13.15 8.14 -27.54
N GLU A 328 12.30 8.97 -26.94
CA GLU A 328 11.87 8.74 -25.57
C GLU A 328 11.12 7.44 -25.44
N LYS A 329 10.24 7.14 -26.40
CA LYS A 329 9.45 5.90 -26.31
C LYS A 329 10.34 4.67 -26.47
N LYS A 330 11.38 4.75 -27.29
CA LYS A 330 12.34 3.63 -27.38
C LYS A 330 13.01 3.38 -26.03
N ALA A 331 13.43 4.46 -25.35
CA ALA A 331 14.04 4.32 -24.04
C ALA A 331 13.06 3.75 -23.03
N VAL A 332 11.80 4.21 -23.07
CA VAL A 332 10.80 3.72 -22.14
C VAL A 332 10.54 2.25 -22.38
N LYS A 333 10.42 1.84 -23.63
CA LYS A 333 10.19 0.43 -23.91
C LYS A 333 11.34 -0.43 -23.40
N ALA A 334 12.57 0.05 -23.56
CA ALA A 334 13.72 -0.70 -23.05
C ALA A 334 13.70 -0.79 -21.53
N PHE A 335 13.28 0.28 -20.86
CA PHE A 335 13.17 0.23 -19.41
C PHE A 335 12.13 -0.81 -19.00
N ILE A 336 10.97 -0.81 -19.65
CA ILE A 336 9.94 -1.80 -19.32
C ILE A 336 10.48 -3.20 -19.50
N LYS A 337 11.16 -3.42 -20.63
CA LYS A 337 11.75 -4.73 -20.94
C LYS A 337 12.71 -5.18 -19.85
N ASN A 338 13.49 -4.25 -19.32
CA ASN A 338 14.54 -4.60 -18.38
C ASN A 338 14.08 -4.60 -16.94
N PHE A 339 13.01 -3.89 -16.60
CA PHE A 339 12.51 -3.89 -15.24
C PHE A 339 11.55 -5.04 -14.99
N TYR A 340 10.64 -5.29 -15.92
CA TYR A 340 9.57 -6.29 -15.76
C TYR A 340 10.05 -7.61 -16.34
N THR A 341 10.91 -8.28 -15.59
CA THR A 341 11.45 -9.58 -15.96
CA THR A 341 11.42 -9.58 -15.97
C THR A 341 11.52 -10.42 -14.71
N LEU A 342 11.40 -11.74 -14.87
CA LEU A 342 11.34 -12.59 -13.67
C LEU A 342 12.66 -12.58 -12.91
N GLU A 343 13.75 -12.27 -13.55
CA GLU A 343 15.02 -12.18 -12.90
C GLU A 343 15.09 -11.00 -11.93
N ILE A 344 14.48 -9.90 -12.30
CA ILE A 344 14.39 -8.76 -11.40
C ILE A 344 13.38 -9.02 -10.28
N GLN A 345 12.21 -9.55 -10.65
CA GLN A 345 11.19 -9.87 -9.66
C GLN A 345 11.70 -10.90 -8.66
N GLY A 346 12.48 -11.87 -9.13
CA GLY A 346 13.01 -12.89 -8.26
C GLY A 346 14.08 -12.37 -7.32
N GLU A 347 14.91 -11.44 -7.81
CA GLU A 347 15.90 -10.82 -6.93
C GLU A 347 15.20 -9.99 -5.85
N ALA A 348 14.13 -9.28 -6.23
CA ALA A 348 13.37 -8.49 -5.26
C ALA A 348 12.76 -9.37 -4.18
N LEU A 349 12.21 -10.52 -4.56
CA LEU A 349 11.66 -11.47 -3.60
C LEU A 349 12.75 -12.11 -2.75
N GLY A 350 13.85 -12.54 -3.39
CA GLY A 350 14.90 -13.26 -2.68
C GLY A 350 15.60 -12.44 -1.62
N ARG A 351 15.77 -11.13 -1.85
CA ARG A 351 16.49 -10.26 -0.91
C ARG A 351 15.57 -9.47 0.01
N ASP A 352 14.56 -8.83 -0.52
CA ASP A 352 13.73 -7.92 0.24
C ASP A 352 12.37 -8.46 0.50
N ASN A 353 12.14 -9.73 0.16
CA ASN A 353 10.85 -10.32 0.43
C ASN A 353 9.76 -9.52 -0.26
N ARG A 354 10.10 -8.91 -1.40
CA ARG A 354 9.12 -8.14 -2.16
CA ARG A 354 9.13 -8.15 -2.18
C ARG A 354 8.26 -9.10 -3.00
N VAL A 355 6.96 -8.92 -2.91
CA VAL A 355 5.95 -9.82 -3.45
C VAL A 355 5.81 -9.67 -4.96
N PRO A 356 6.01 -10.71 -5.79
CA PRO A 356 5.98 -10.49 -7.24
C PRO A 356 4.64 -9.98 -7.77
N SER A 357 4.73 -9.17 -8.82
CA SER A 357 3.56 -8.87 -9.64
C SER A 357 3.47 -9.74 -10.88
N MET A 358 4.53 -10.47 -11.22
CA MET A 358 4.60 -11.31 -12.41
C MET A 358 4.56 -12.77 -11.99
N LYS A 359 3.96 -13.59 -12.85
CA LYS A 359 3.77 -15.02 -12.58
C LYS A 359 5.04 -15.83 -12.80
N GLY A 360 5.17 -16.93 -12.07
CA GLY A 360 6.21 -17.88 -12.34
C GLY A 360 7.53 -17.71 -11.63
N VAL A 361 7.62 -16.78 -10.67
CA VAL A 361 8.85 -16.68 -9.88
C VAL A 361 8.96 -17.93 -9.01
N PRO A 362 10.04 -18.71 -9.08
CA PRO A 362 10.12 -19.91 -8.23
C PRO A 362 10.21 -19.56 -6.75
N THR A 363 9.77 -20.49 -5.91
CA THR A 363 9.91 -20.28 -4.47
C THR A 363 11.40 -20.14 -4.15
N PRO A 364 11.80 -19.13 -3.38
CA PRO A 364 13.22 -19.01 -3.04
C PRO A 364 13.74 -20.24 -2.33
N ALA A 365 15.02 -20.57 -2.58
CA ALA A 365 15.63 -21.74 -1.95
C ALA A 365 15.67 -21.60 -0.42
N GLU A 366 15.98 -20.40 0.06
CA GLU A 366 15.83 -20.04 1.48
C GLU A 366 14.61 -19.12 1.62
N ALA A 367 13.44 -19.74 1.71
CA ALA A 367 12.20 -18.98 1.82
C ALA A 367 11.97 -18.50 3.26
N ALA A 368 11.48 -17.37 3.38
CA ALA A 368 11.49 -16.78 4.70
C ALA A 368 10.21 -17.15 5.48
N PRO A 369 10.33 -17.61 6.74
CA PRO A 369 9.13 -17.98 7.51
C PRO A 369 8.05 -16.92 7.57
N LEU A 370 8.41 -15.65 7.70
CA LEU A 370 7.40 -14.61 7.83
C LEU A 370 6.62 -14.47 6.52
N THR A 371 7.31 -14.56 5.39
CA THR A 371 6.61 -14.51 4.11
C THR A 371 5.70 -15.73 3.94
N LYS A 372 6.13 -16.90 4.44
CA LYS A 372 5.26 -18.08 4.41
C LYS A 372 3.98 -17.81 5.21
N ALA A 373 4.11 -17.17 6.38
CA ALA A 373 2.94 -16.87 7.20
C ALA A 373 2.02 -15.88 6.51
N ILE A 374 2.58 -14.85 5.86
CA ILE A 374 1.73 -13.92 5.11
C ILE A 374 1.01 -14.65 3.99
N GLY A 375 1.74 -15.52 3.29
CA GLY A 375 1.13 -16.31 2.23
C GLY A 375 -0.01 -17.18 2.74
N GLU A 376 0.15 -17.78 3.91
CA GLU A 376 -0.89 -18.63 4.47
C GLU A 376 -2.14 -17.81 4.81
N ALA A 377 -1.94 -16.60 5.34
CA ALA A 377 -3.08 -15.73 5.65
C ALA A 377 -3.81 -15.29 4.39
N GLN A 378 -3.09 -15.04 3.30
CA GLN A 378 -3.73 -14.64 2.04
C GLN A 378 -4.43 -15.82 1.37
N ALA A 379 -3.77 -16.99 1.36
CA ALA A 379 -4.29 -18.16 0.67
C ALA A 379 -5.57 -18.68 1.32
N SER A 380 -5.65 -18.62 2.66
CA SER A 380 -6.83 -19.14 3.33
C SER A 380 -7.97 -18.12 3.39
N ALA A 381 -7.75 -16.88 2.95
CA ALA A 381 -8.83 -15.90 2.90
C ALA A 381 -9.83 -16.27 1.83
N LYS A 382 -11.09 -15.90 2.07
CA LYS A 382 -12.15 -16.12 1.08
C LYS A 382 -11.86 -15.34 -0.20
N ALA A 383 -11.39 -14.11 -0.06
CA ALA A 383 -11.13 -13.21 -1.17
C ALA A 383 -10.34 -12.02 -0.66
N ALA A 384 -9.82 -11.23 -1.59
CA ALA A 384 -9.18 -9.97 -1.27
C ALA A 384 -10.10 -8.81 -1.65
N PHE A 385 -9.83 -7.65 -1.04
CA PHE A 385 -10.48 -6.41 -1.42
C PHE A 385 -9.41 -5.33 -1.60
N PRO A 386 -9.56 -4.44 -2.57
CA PRO A 386 -8.55 -3.40 -2.78
C PRO A 386 -8.60 -2.36 -1.68
N ALA A 387 -7.52 -1.57 -1.60
CA ALA A 387 -7.52 -0.43 -0.70
C ALA A 387 -8.56 0.59 -1.14
N PHE A 388 -9.18 1.25 -0.16
CA PHE A 388 -10.25 2.20 -0.46
C PHE A 388 -9.76 3.32 -1.39
N ASP A 389 -8.46 3.64 -1.40
CA ASP A 389 -7.95 4.73 -2.23
C ASP A 389 -7.82 4.34 -3.69
N ALA A 390 -8.07 3.07 -4.02
CA ALA A 390 -8.29 2.70 -5.41
C ALA A 390 -9.68 3.11 -5.89
N LEU A 391 -10.62 3.32 -4.96
CA LEU A 391 -12.05 3.39 -5.25
C LEU A 391 -12.66 4.76 -5.04
N VAL A 392 -11.97 5.68 -4.37
CA VAL A 392 -12.51 7.00 -4.08
C VAL A 392 -11.59 8.05 -4.65
N GLN A 393 -12.15 9.23 -4.86
CA GLN A 393 -11.41 10.32 -5.45
C GLN A 393 -10.31 10.79 -4.50
N PRO A 394 -9.19 11.31 -5.05
CA PRO A 394 -8.10 11.80 -4.19
C PRO A 394 -8.54 12.75 -3.10
N LYS A 395 -9.45 13.66 -3.40
CA LYS A 395 -9.94 14.58 -2.38
C LYS A 395 -10.59 13.86 -1.21
N VAL A 396 -11.35 12.79 -1.50
CA VAL A 396 -11.99 12.01 -0.46
C VAL A 396 -10.93 11.32 0.40
N LYS A 397 -9.92 10.74 -0.24
CA LYS A 397 -8.84 10.08 0.49
C LYS A 397 -8.16 11.05 1.45
N VAL A 398 -7.74 12.21 0.96
CA VAL A 398 -7.00 13.13 1.82
CA VAL A 398 -7.02 13.17 1.79
C VAL A 398 -7.90 13.67 2.94
N THR A 399 -9.19 13.84 2.67
CA THR A 399 -10.10 14.23 3.74
C THR A 399 -10.19 13.15 4.81
N LEU A 400 -10.22 11.87 4.41
CA LEU A 400 -10.25 10.81 5.42
C LEU A 400 -8.98 10.82 6.25
N GLU A 401 -7.82 11.02 5.61
CA GLU A 401 -6.54 11.10 6.34
C GLU A 401 -6.60 12.16 7.44
N GLN A 402 -7.03 13.38 7.08
CA GLN A 402 -7.17 14.44 8.08
C GLN A 402 -8.17 14.04 9.15
N SER A 403 -9.30 13.46 8.73
CA SER A 403 -10.38 13.16 9.65
C SER A 403 -9.97 12.09 10.67
N VAL A 404 -9.24 11.05 10.24
CA VAL A 404 -8.86 10.02 11.20
C VAL A 404 -7.80 10.53 12.16
N GLN A 405 -6.95 11.46 11.72
CA GLN A 405 -6.03 12.11 12.65
C GLN A 405 -6.80 12.91 13.69
N GLU A 406 -7.84 13.64 13.24
CA GLU A 406 -8.70 14.38 14.15
C GLU A 406 -9.47 13.45 15.07
N LEU A 407 -9.96 12.32 14.55
CA LEU A 407 -10.63 11.34 15.38
C LEU A 407 -9.71 10.85 16.50
N LEU A 408 -8.48 10.44 16.14
CA LEU A 408 -7.58 9.90 17.16
C LEU A 408 -7.16 10.97 18.16
N GLY A 409 -7.14 12.23 17.74
CA GLY A 409 -6.87 13.37 18.62
C GLY A 409 -8.05 13.92 19.38
N GLY A 410 -9.25 13.35 19.21
CA GLY A 410 -10.42 13.76 19.97
C GLY A 410 -11.13 15.00 19.47
N GLN A 411 -10.76 15.49 18.29
CA GLN A 411 -11.36 16.68 17.72
C GLN A 411 -12.58 16.38 16.88
N LEU A 412 -12.80 15.11 16.56
CA LEU A 412 -13.89 14.67 15.74
C LEU A 412 -14.42 13.40 16.37
N THR A 413 -15.73 13.29 16.52
CA THR A 413 -16.29 12.02 16.96
C THR A 413 -16.49 11.13 15.74
N PRO A 414 -16.66 9.83 15.93
CA PRO A 414 -16.98 8.98 14.77
C PRO A 414 -18.16 9.49 13.97
N GLU A 415 -19.19 9.96 14.65
CA GLU A 415 -20.39 10.42 13.98
C GLU A 415 -20.09 11.65 13.12
N LYS A 416 -19.33 12.62 13.65
CA LYS A 416 -19.00 13.80 12.87
C LYS A 416 -18.03 13.45 11.75
N LEU A 417 -17.16 12.47 11.97
CA LEU A 417 -16.28 12.02 10.89
C LEU A 417 -17.08 11.53 9.69
N VAL A 418 -18.05 10.64 9.91
CA VAL A 418 -18.74 10.09 8.75
C VAL A 418 -19.60 11.16 8.08
N GLU A 419 -20.13 12.12 8.85
CA GLU A 419 -20.87 13.23 8.27
C GLU A 419 -19.97 14.07 7.35
N LYS A 420 -18.77 14.40 7.83
CA LYS A 420 -17.81 15.15 7.04
C LYS A 420 -17.41 14.38 5.79
N MET A 421 -17.21 13.07 5.93
CA MET A 421 -16.82 12.25 4.79
C MET A 421 -17.90 12.19 3.75
N GLN A 422 -19.16 12.05 4.17
CA GLN A 422 -20.22 11.98 3.16
C GLN A 422 -20.41 13.33 2.48
N LYS A 423 -20.18 14.44 3.19
CA LYS A 423 -20.26 15.75 2.56
C LYS A 423 -19.23 15.85 1.43
N VAL A 424 -17.98 15.48 1.70
CA VAL A 424 -16.95 15.54 0.66
CA VAL A 424 -16.96 15.54 0.65
C VAL A 424 -17.24 14.52 -0.45
N GLN A 425 -17.77 13.34 -0.09
CA GLN A 425 -18.08 12.33 -1.09
C GLN A 425 -19.16 12.81 -2.04
N ASP A 426 -20.21 13.43 -1.49
CA ASP A 426 -21.28 13.99 -2.31
C ASP A 426 -20.73 15.05 -3.26
N GLU A 427 -19.86 15.93 -2.75
CA GLU A 427 -19.25 16.97 -3.58
C GLU A 427 -18.42 16.34 -4.70
N ALA A 428 -17.65 15.31 -4.38
CA ALA A 428 -16.81 14.68 -5.39
C ALA A 428 -17.65 13.95 -6.43
N ASN A 429 -18.76 13.34 -6.01
CA ASN A 429 -19.60 12.61 -6.93
C ASN A 429 -20.32 13.54 -7.89
N ALA A 430 -20.66 14.75 -7.42
CA ALA A 430 -21.31 15.73 -8.27
C ALA A 430 -20.35 16.24 -9.33
N GLY A 431 -19.07 16.35 -8.98
CA GLY A 431 -18.03 16.78 -9.91
C GLY A 431 -17.68 15.72 -10.93
#